data_6UOC
#
_entry.id   6UOC
#
_cell.length_a   55.160
_cell.length_b   60.400
_cell.length_c   122.160
_cell.angle_alpha   90.000
_cell.angle_beta   90.000
_cell.angle_gamma   90.000
#
_symmetry.space_group_name_H-M   'P 21 21 21'
#
loop_
_entity.id
_entity.type
_entity.pdbx_description
1 polymer 'Histone deacetylase 6'
2 non-polymer 1,2-ETHANEDIOL
3 non-polymer 'ZINC ION'
4 non-polymer 'POTASSIUM ION'
5 non-polymer Givinostat
6 water water
#
_entity_poly.entity_id   1
_entity_poly.type   'polypeptide(L)'
_entity_poly.pdbx_seq_one_letter_code
;SNAGGSATGTGLVYVDAFTRFHCLWDASHPECPARVSTVMEMLETEGLLGRCVQVEARAVTEDELLLVHTKEYVELMKST
QNMTEEELKTLAEKYDSVYLHPGFFSSACLSVGSVLQLVDKVMTSQLRNGFSINRPPGHHAQADKMNGFCMFNNLAIAAR
YAQKRHRVQRVLIVDWDVHHGQGIQYIFEEDPSVLYFSVHRYEDGSFWPHLKESDSSSVGSGAGQGYNINLPWNKVGMES
GDYITAFQQLLLPVAYEFQPQLVLVAAGFDAVIGDPLGGMQVSPECFSILTHMLKGVAQGRLVLALEGGYNLQSTAEGVC
ASMRSLLGDPCPHLPSSGAPCESALKSISKTISDLYPFWKSLQTFE
;
_entity_poly.pdbx_strand_id   A
#
# COMPACT_ATOMS: atom_id res chain seq x y z
N ALA A 7 16.22 -6.50 17.70
CA ALA A 7 16.97 -5.80 16.66
C ALA A 7 16.75 -6.46 15.30
N THR A 8 16.71 -7.80 15.28
CA THR A 8 16.47 -8.54 14.05
C THR A 8 15.01 -8.98 13.92
N GLY A 9 14.10 -8.38 14.69
CA GLY A 9 12.72 -8.79 14.73
C GLY A 9 11.85 -8.09 13.70
N THR A 10 10.66 -8.66 13.53
CA THR A 10 9.63 -8.14 12.64
C THR A 10 8.49 -7.61 13.51
N GLY A 11 8.16 -6.33 13.35
CA GLY A 11 7.06 -5.76 14.10
C GLY A 11 5.72 -6.00 13.45
N LEU A 12 4.69 -6.07 14.29
CA LEU A 12 3.31 -6.24 13.85
C LEU A 12 2.45 -5.31 14.68
N VAL A 13 1.61 -4.51 14.04
CA VAL A 13 0.67 -3.63 14.73
C VAL A 13 -0.74 -4.06 14.37
N TYR A 14 -1.55 -4.30 15.40
CA TYR A 14 -2.97 -4.56 15.23
C TYR A 14 -3.70 -4.11 16.49
N VAL A 15 -4.83 -3.42 16.31
CA VAL A 15 -5.69 -3.07 17.43
C VAL A 15 -7.14 -3.38 17.06
N ASP A 16 -7.92 -3.73 18.09
N ASP A 16 -7.92 -3.77 18.08
CA ASP A 16 -9.33 -4.07 17.89
CA ASP A 16 -9.33 -4.07 17.86
C ASP A 16 -10.10 -2.89 17.30
C ASP A 16 -10.07 -2.89 17.24
N ALA A 17 -9.64 -1.66 17.52
CA ALA A 17 -10.31 -0.49 16.94
C ALA A 17 -10.41 -0.57 15.42
N PHE A 18 -9.51 -1.32 14.77
CA PHE A 18 -9.58 -1.48 13.32
C PHE A 18 -10.84 -2.21 12.88
N THR A 19 -11.54 -2.90 13.79
CA THR A 19 -12.80 -3.54 13.43
C THR A 19 -14.03 -2.68 13.73
N ARG A 20 -13.85 -1.49 14.32
CA ARG A 20 -14.96 -0.73 14.90
C ARG A 20 -15.59 0.27 13.94
N PHE A 21 -15.61 -0.06 12.65
CA PHE A 21 -16.37 0.74 11.69
C PHE A 21 -16.72 -0.15 10.50
N HIS A 22 -17.84 0.15 9.86
CA HIS A 22 -18.33 -0.64 8.73
C HIS A 22 -19.38 0.19 8.01
N CYS A 23 -19.76 -0.29 6.82
CA CYS A 23 -20.72 0.43 6.00
C CYS A 23 -22.13 0.24 6.55
N LEU A 24 -22.74 1.33 7.00
CA LEU A 24 -24.05 1.28 7.66
C LEU A 24 -25.18 1.04 6.68
N TRP A 25 -25.00 1.42 5.41
CA TRP A 25 -26.07 1.40 4.43
C TRP A 25 -25.89 0.34 3.36
N ASP A 26 -24.85 -0.50 3.46
CA ASP A 26 -24.64 -1.57 2.48
C ASP A 26 -23.91 -2.70 3.21
N ALA A 27 -24.66 -3.70 3.65
CA ALA A 27 -24.09 -4.81 4.40
C ALA A 27 -23.16 -5.68 3.57
N SER A 28 -23.17 -5.54 2.25
CA SER A 28 -22.32 -6.31 1.36
CA SER A 28 -22.31 -6.33 1.38
C SER A 28 -21.03 -5.59 0.99
N HIS A 29 -20.79 -4.42 1.56
CA HIS A 29 -19.61 -3.66 1.16
C HIS A 29 -18.35 -4.49 1.39
N PRO A 30 -17.43 -4.50 0.42
CA PRO A 30 -16.23 -5.35 0.55
C PRO A 30 -15.23 -4.89 1.59
N GLU A 31 -15.20 -3.59 1.91
CA GLU A 31 -14.25 -3.08 2.89
C GLU A 31 -14.93 -3.16 4.25
N CYS A 32 -14.62 -4.22 4.98
CA CYS A 32 -15.40 -4.62 6.15
C CYS A 32 -14.47 -5.12 7.24
N PRO A 33 -14.95 -5.18 8.49
CA PRO A 33 -14.07 -5.57 9.60
C PRO A 33 -13.46 -6.96 9.47
N ALA A 34 -14.17 -7.91 8.85
CA ALA A 34 -13.64 -9.25 8.70
C ALA A 34 -12.30 -9.28 7.98
N ARG A 35 -11.99 -8.26 7.17
CA ARG A 35 -10.72 -8.24 6.47
C ARG A 35 -9.55 -8.39 7.43
N VAL A 36 -9.56 -7.59 8.50
CA VAL A 36 -8.43 -7.64 9.43
C VAL A 36 -8.53 -8.78 10.44
N SER A 37 -9.76 -9.09 10.88
N SER A 37 -9.74 -9.14 10.88
CA SER A 37 -9.95 -10.23 11.78
CA SER A 37 -9.81 -10.24 11.84
C SER A 37 -9.39 -11.50 11.18
C SER A 37 -9.39 -11.56 11.20
N THR A 38 -9.71 -11.76 9.91
CA THR A 38 -9.28 -12.99 9.27
CA THR A 38 -9.28 -13.00 9.28
C THR A 38 -7.76 -13.03 9.10
N VAL A 39 -7.15 -11.87 8.79
CA VAL A 39 -5.69 -11.84 8.70
C VAL A 39 -5.06 -12.22 10.04
N MET A 40 -5.57 -11.63 11.13
CA MET A 40 -5.00 -11.90 12.45
C MET A 40 -5.21 -13.36 12.86
N GLU A 41 -6.38 -13.90 12.56
CA GLU A 41 -6.65 -15.30 12.89
C GLU A 41 -5.70 -16.23 12.15
N MET A 42 -5.43 -15.97 10.87
CA MET A 42 -4.54 -16.85 10.13
C MET A 42 -3.08 -16.67 10.56
N LEU A 43 -2.66 -15.43 10.82
CA LEU A 43 -1.32 -15.23 11.35
C LEU A 43 -1.12 -16.03 12.63
N GLU A 44 -2.14 -16.08 13.48
CA GLU A 44 -2.02 -16.82 14.73
C GLU A 44 -1.99 -18.32 14.47
N THR A 45 -2.92 -18.84 13.68
CA THR A 45 -2.97 -20.29 13.49
C THR A 45 -1.75 -20.80 12.74
N GLU A 46 -1.15 -19.98 11.87
CA GLU A 46 0.09 -20.34 11.20
C GLU A 46 1.32 -20.21 12.08
N GLY A 47 1.16 -19.75 13.33
CA GLY A 47 2.28 -19.57 14.21
C GLY A 47 3.15 -18.38 13.90
N LEU A 48 2.72 -17.52 12.98
CA LEU A 48 3.52 -16.36 12.59
C LEU A 48 3.34 -15.20 13.56
N LEU A 49 2.12 -15.00 14.10
CA LEU A 49 1.89 -13.89 15.01
C LEU A 49 2.83 -13.95 16.20
N GLY A 50 3.00 -15.14 16.79
CA GLY A 50 3.85 -15.29 17.96
C GLY A 50 5.32 -15.08 17.69
N ARG A 51 5.74 -15.14 16.43
CA ARG A 51 7.13 -14.90 16.05
C ARG A 51 7.42 -13.42 15.82
N CYS A 52 6.40 -12.57 15.77
CA CYS A 52 6.55 -11.14 15.60
C CYS A 52 6.67 -10.44 16.93
N VAL A 53 7.23 -9.24 16.89
CA VAL A 53 7.20 -8.33 18.03
C VAL A 53 5.95 -7.49 17.92
N GLN A 54 5.04 -7.63 18.88
CA GLN A 54 3.83 -6.82 18.90
C GLN A 54 4.20 -5.38 19.24
N VAL A 55 3.81 -4.45 18.37
CA VAL A 55 4.07 -3.02 18.55
C VAL A 55 2.74 -2.32 18.75
N GLU A 56 2.67 -1.45 19.75
CA GLU A 56 1.43 -0.74 20.02
C GLU A 56 1.11 0.23 18.89
N ALA A 57 -0.18 0.41 18.63
CA ALA A 57 -0.60 1.49 17.76
C ALA A 57 -0.55 2.82 18.52
N ARG A 58 -0.70 3.91 17.78
CA ARG A 58 -0.92 5.21 18.38
C ARG A 58 -1.80 6.00 17.44
N ALA A 59 -2.46 7.03 17.95
CA ALA A 59 -3.23 7.92 17.10
C ALA A 59 -2.33 8.98 16.49
N VAL A 60 -2.44 9.16 15.16
CA VAL A 60 -1.74 10.25 14.50
C VAL A 60 -2.15 11.58 15.12
N THR A 61 -1.23 12.54 15.13
CA THR A 61 -1.54 13.88 15.59
C THR A 61 -1.95 14.77 14.42
N GLU A 62 -2.50 15.93 14.76
CA GLU A 62 -2.85 16.90 13.73
C GLU A 62 -1.62 17.32 12.93
N ASP A 63 -0.51 17.61 13.61
CA ASP A 63 0.69 18.06 12.89
C ASP A 63 1.20 16.97 11.95
N GLU A 64 1.08 15.71 12.33
CA GLU A 64 1.48 14.63 11.43
C GLU A 64 0.55 14.57 10.22
N LEU A 65 -0.76 14.66 10.44
CA LEU A 65 -1.70 14.69 9.33
C LEU A 65 -1.39 15.84 8.37
N LEU A 66 -1.03 17.00 8.92
CA LEU A 66 -0.79 18.20 8.11
C LEU A 66 0.46 18.10 7.25
N LEU A 67 1.26 17.05 7.42
CA LEU A 67 2.35 16.83 6.48
C LEU A 67 1.83 16.55 5.08
N VAL A 68 0.56 16.13 4.97
CA VAL A 68 -0.03 15.71 3.71
C VAL A 68 -1.39 16.38 3.46
N HIS A 69 -2.20 16.52 4.51
CA HIS A 69 -3.60 16.91 4.36
C HIS A 69 -3.79 18.36 4.81
N THR A 70 -4.82 19.00 4.26
CA THR A 70 -5.09 20.38 4.62
C THR A 70 -5.82 20.45 5.97
N LYS A 71 -5.66 21.59 6.65
CA LYS A 71 -6.32 21.79 7.93
C LYS A 71 -7.84 21.70 7.79
N GLU A 72 -8.39 22.30 6.72
N GLU A 72 -8.39 22.30 6.72
CA GLU A 72 -9.84 22.25 6.54
CA GLU A 72 -9.83 22.26 6.53
C GLU A 72 -10.33 20.82 6.39
C GLU A 72 -10.33 20.83 6.39
N TYR A 73 -9.59 19.99 5.63
CA TYR A 73 -10.00 18.61 5.45
C TYR A 73 -9.89 17.82 6.76
N VAL A 74 -8.79 17.98 7.49
CA VAL A 74 -8.65 17.29 8.77
C VAL A 74 -9.80 17.66 9.70
N GLU A 75 -10.14 18.95 9.77
CA GLU A 75 -11.22 19.37 10.65
C GLU A 75 -12.55 18.76 10.23
N LEU A 76 -12.82 18.71 8.93
CA LEU A 76 -14.05 18.10 8.44
C LEU A 76 -14.10 16.63 8.79
N MET A 77 -12.99 15.90 8.58
CA MET A 77 -12.97 14.50 8.94
C MET A 77 -13.16 14.29 10.44
N LYS A 78 -12.54 15.15 11.26
CA LYS A 78 -12.72 15.02 12.70
C LYS A 78 -14.18 15.19 13.08
N SER A 79 -14.90 16.08 12.40
CA SER A 79 -16.30 16.35 12.73
C SER A 79 -17.22 15.18 12.39
N THR A 80 -16.76 14.23 11.56
CA THR A 80 -17.63 13.12 11.20
C THR A 80 -17.96 12.23 12.40
N GLN A 81 -17.14 12.27 13.46
CA GLN A 81 -17.43 11.41 14.61
C GLN A 81 -18.72 11.79 15.32
N ASN A 82 -19.23 13.01 15.11
CA ASN A 82 -20.45 13.47 15.77
C ASN A 82 -21.64 13.55 14.83
N MET A 83 -21.52 13.04 13.61
CA MET A 83 -22.59 13.15 12.62
C MET A 83 -23.59 12.00 12.73
N THR A 84 -24.83 12.30 12.33
CA THR A 84 -25.85 11.27 12.17
C THR A 84 -25.55 10.44 10.93
N GLU A 85 -26.24 9.30 10.81
CA GLU A 85 -26.05 8.46 9.64
C GLU A 85 -26.40 9.22 8.35
N GLU A 86 -27.47 10.01 8.38
CA GLU A 86 -27.86 10.77 7.21
C GLU A 86 -26.79 11.81 6.84
N GLU A 87 -26.22 12.48 7.85
CA GLU A 87 -25.14 13.42 7.58
C GLU A 87 -23.91 12.70 7.03
N LEU A 88 -23.59 11.54 7.59
CA LEU A 88 -22.45 10.76 7.10
C LEU A 88 -22.66 10.35 5.66
N LYS A 89 -23.88 9.93 5.30
CA LYS A 89 -24.13 9.52 3.93
C LYS A 89 -24.04 10.70 2.98
N THR A 90 -24.58 11.86 3.38
CA THR A 90 -24.53 13.03 2.51
C THR A 90 -23.09 13.44 2.23
N LEU A 91 -22.24 13.42 3.25
CA LEU A 91 -20.84 13.76 3.06
C LEU A 91 -20.12 12.69 2.23
N ALA A 92 -20.32 11.41 2.57
CA ALA A 92 -19.66 10.35 1.81
C ALA A 92 -19.98 10.44 0.33
N GLU A 93 -21.20 10.85 -0.01
CA GLU A 93 -21.62 10.93 -1.40
C GLU A 93 -20.91 12.04 -2.16
N LYS A 94 -20.22 12.95 -1.47
CA LYS A 94 -19.47 13.98 -2.16
C LYS A 94 -18.12 13.48 -2.66
N TYR A 95 -17.72 12.27 -2.29
CA TYR A 95 -16.45 11.69 -2.69
C TYR A 95 -16.74 10.45 -3.54
N ASP A 96 -15.70 9.92 -4.17
CA ASP A 96 -15.87 8.75 -5.01
C ASP A 96 -15.49 7.49 -4.24
N SER A 97 -16.43 6.55 -4.18
CA SER A 97 -16.18 5.22 -3.62
CA SER A 97 -16.20 5.22 -3.62
C SER A 97 -15.78 5.28 -2.16
N VAL A 98 -16.62 5.89 -1.34
CA VAL A 98 -16.36 6.06 0.07
C VAL A 98 -17.64 5.85 0.88
N TYR A 99 -17.51 5.23 2.05
CA TYR A 99 -18.55 5.32 3.08
C TYR A 99 -17.96 5.96 4.34
N LEU A 100 -18.85 6.36 5.24
CA LEU A 100 -18.46 6.93 6.53
C LEU A 100 -19.23 6.27 7.66
N HIS A 101 -18.70 6.41 8.86
CA HIS A 101 -19.22 5.75 10.05
C HIS A 101 -18.73 6.58 11.24
N PRO A 102 -19.46 6.62 12.35
CA PRO A 102 -19.03 7.47 13.47
C PRO A 102 -17.66 7.12 14.03
N GLY A 103 -17.21 5.87 13.87
CA GLY A 103 -15.88 5.49 14.32
C GLY A 103 -14.81 5.51 13.26
N PHE A 104 -15.14 5.94 12.04
CA PHE A 104 -14.17 5.92 10.94
C PHE A 104 -12.96 6.79 11.26
N PHE A 105 -13.19 8.02 11.73
CA PHE A 105 -12.09 8.94 11.99
C PHE A 105 -11.11 8.41 13.02
N SER A 106 -11.64 7.89 14.14
N SER A 106 -11.63 7.87 14.13
CA SER A 106 -10.78 7.34 15.18
CA SER A 106 -10.73 7.36 15.17
C SER A 106 -9.94 6.20 14.63
C SER A 106 -9.94 6.16 14.68
N SER A 107 -10.58 5.26 13.91
CA SER A 107 -9.84 4.14 13.35
CA SER A 107 -9.84 4.14 13.35
C SER A 107 -8.81 4.62 12.32
N ALA A 108 -9.17 5.61 11.52
CA ALA A 108 -8.26 6.14 10.51
C ALA A 108 -7.02 6.77 11.18
N CYS A 109 -7.22 7.44 12.31
CA CYS A 109 -6.08 8.01 13.01
C CYS A 109 -5.15 6.93 13.55
N LEU A 110 -5.72 5.82 14.05
CA LEU A 110 -4.89 4.72 14.52
C LEU A 110 -4.25 3.99 13.35
N SER A 111 -4.92 3.96 12.20
N SER A 111 -4.92 3.97 12.19
CA SER A 111 -4.37 3.34 11.01
CA SER A 111 -4.36 3.34 11.01
C SER A 111 -3.09 4.05 10.55
C SER A 111 -3.08 4.06 10.58
N VAL A 112 -3.12 5.39 10.49
CA VAL A 112 -1.90 6.14 10.17
C VAL A 112 -0.85 5.88 11.25
N GLY A 113 -1.26 6.02 12.51
CA GLY A 113 -0.30 5.95 13.59
C GLY A 113 0.39 4.61 13.67
N SER A 114 -0.31 3.53 13.29
N SER A 114 -0.30 3.53 13.30
CA SER A 114 0.30 2.20 13.30
CA SER A 114 0.32 2.21 13.32
C SER A 114 1.52 2.15 12.40
C SER A 114 1.53 2.16 12.39
N VAL A 115 1.45 2.81 11.23
CA VAL A 115 2.59 2.85 10.33
C VAL A 115 3.72 3.67 10.93
N LEU A 116 3.39 4.82 11.53
CA LEU A 116 4.41 5.67 12.14
C LEU A 116 5.16 4.93 13.24
N GLN A 117 4.43 4.13 14.04
CA GLN A 117 5.09 3.36 15.09
C GLN A 117 6.12 2.41 14.51
N LEU A 118 5.79 1.74 13.40
CA LEU A 118 6.75 0.83 12.78
C LEU A 118 7.92 1.59 12.17
N VAL A 119 7.66 2.75 11.55
CA VAL A 119 8.76 3.58 11.05
C VAL A 119 9.74 3.91 12.17
N ASP A 120 9.23 4.30 13.35
CA ASP A 120 10.10 4.58 14.48
C ASP A 120 10.99 3.39 14.79
N LYS A 121 10.39 2.20 14.92
CA LYS A 121 11.17 1.03 15.34
C LYS A 121 12.18 0.63 14.28
N VAL A 122 11.79 0.71 13.01
CA VAL A 122 12.68 0.28 11.94
C VAL A 122 13.81 1.29 11.73
N MET A 123 13.51 2.59 11.77
CA MET A 123 14.55 3.58 11.53
C MET A 123 15.57 3.62 12.66
N THR A 124 15.18 3.28 13.89
CA THR A 124 16.12 3.24 15.00
C THR A 124 16.79 1.88 15.15
N SER A 125 16.50 0.93 14.25
CA SER A 125 17.07 -0.41 14.28
C SER A 125 16.63 -1.21 15.49
N GLN A 126 15.55 -0.80 16.14
CA GLN A 126 14.96 -1.62 17.20
C GLN A 126 14.23 -2.83 16.63
N LEU A 127 13.78 -2.73 15.38
CA LEU A 127 13.31 -3.86 14.60
C LEU A 127 13.92 -3.77 13.21
N ARG A 128 13.91 -4.91 12.51
CA ARG A 128 14.42 -4.96 11.14
C ARG A 128 13.38 -4.48 10.14
N ASN A 129 12.12 -4.84 10.34
CA ASN A 129 11.05 -4.57 9.38
C ASN A 129 9.72 -4.72 10.12
N GLY A 130 8.61 -4.50 9.41
CA GLY A 130 7.34 -4.65 10.10
C GLY A 130 6.16 -4.58 9.16
N PHE A 131 5.00 -4.92 9.70
CA PHE A 131 3.74 -4.98 8.95
C PHE A 131 2.62 -4.47 9.84
N SER A 132 1.91 -3.44 9.38
CA SER A 132 0.70 -3.02 10.08
CA SER A 132 0.70 -3.00 10.07
C SER A 132 -0.52 -3.68 9.45
N ILE A 133 -1.36 -4.28 10.30
CA ILE A 133 -2.58 -4.95 9.84
C ILE A 133 -3.74 -3.97 10.02
N ASN A 134 -3.77 -2.93 9.22
CA ASN A 134 -4.58 -1.75 9.48
C ASN A 134 -5.71 -1.59 8.46
N ARG A 135 -6.83 -1.09 8.94
CA ARG A 135 -7.87 -0.50 8.11
C ARG A 135 -8.39 0.68 8.89
N PRO A 136 -8.85 1.74 8.20
CA PRO A 136 -9.00 1.86 6.75
C PRO A 136 -7.68 1.96 5.97
N PRO A 137 -7.76 1.63 4.68
CA PRO A 137 -6.59 1.78 3.80
C PRO A 137 -6.30 3.24 3.54
N GLY A 138 -5.21 3.50 2.82
CA GLY A 138 -4.78 4.88 2.64
C GLY A 138 -4.42 5.37 1.25
N HIS A 139 -4.08 4.47 0.32
CA HIS A 139 -3.33 4.93 -0.85
C HIS A 139 -4.12 5.82 -1.80
N HIS A 140 -5.46 5.83 -1.72
CA HIS A 140 -6.25 6.71 -2.57
C HIS A 140 -6.54 8.07 -1.94
N ALA A 141 -6.31 8.21 -0.63
CA ALA A 141 -6.68 9.46 0.03
C ALA A 141 -5.80 10.60 -0.48
N GLN A 142 -6.39 11.78 -0.54
CA GLN A 142 -5.76 12.94 -1.15
C GLN A 142 -5.71 14.10 -0.16
N ALA A 143 -5.00 15.15 -0.55
CA ALA A 143 -4.72 16.23 0.40
C ALA A 143 -5.99 16.75 1.05
N ASP A 144 -7.07 16.88 0.28
CA ASP A 144 -8.31 17.47 0.79
C ASP A 144 -9.55 16.66 0.40
N LYS A 145 -9.39 15.35 0.18
CA LYS A 145 -10.50 14.51 -0.27
C LYS A 145 -10.35 13.09 0.26
N MET A 146 -11.45 12.49 0.70
CA MET A 146 -11.52 11.03 0.80
C MET A 146 -11.64 10.43 -0.60
N ASN A 147 -11.24 9.17 -0.74
CA ASN A 147 -11.39 8.50 -2.03
C ASN A 147 -11.14 7.01 -1.83
N GLY A 148 -11.92 6.18 -2.53
CA GLY A 148 -11.57 4.77 -2.62
C GLY A 148 -11.37 4.05 -1.30
N PHE A 149 -12.31 4.27 -0.37
CA PHE A 149 -12.36 3.60 0.93
C PHE A 149 -11.36 4.22 1.90
N CYS A 150 -10.68 5.31 1.53
CA CYS A 150 -9.57 5.89 2.30
C CYS A 150 -9.92 7.28 2.78
N MET A 151 -9.53 7.58 4.02
CA MET A 151 -9.65 8.91 4.61
C MET A 151 -8.31 9.65 4.67
N PHE A 152 -7.27 9.01 5.18
CA PHE A 152 -5.96 9.62 5.30
C PHE A 152 -4.93 8.76 4.58
N ASN A 153 -3.92 9.39 3.99
CA ASN A 153 -2.96 8.63 3.19
C ASN A 153 -1.83 8.10 4.06
N ASN A 154 -2.08 6.92 4.62
CA ASN A 154 -1.20 6.31 5.61
C ASN A 154 0.27 6.37 5.19
N LEU A 155 0.58 5.87 3.99
CA LEU A 155 1.97 5.79 3.58
C LEU A 155 2.54 7.14 3.17
N ALA A 156 1.75 8.02 2.58
CA ALA A 156 2.30 9.33 2.25
C ALA A 156 2.68 10.09 3.51
N ILE A 157 1.85 10.00 4.55
CA ILE A 157 2.17 10.60 5.84
C ILE A 157 3.42 9.96 6.41
N ALA A 158 3.50 8.62 6.37
CA ALA A 158 4.64 7.93 6.91
C ALA A 158 5.93 8.33 6.20
N ALA A 159 5.89 8.54 4.88
CA ALA A 159 7.08 8.93 4.14
C ALA A 159 7.56 10.31 4.58
N ARG A 160 6.66 11.28 4.65
CA ARG A 160 7.05 12.62 5.09
C ARG A 160 7.45 12.63 6.56
N TYR A 161 6.83 11.78 7.38
CA TYR A 161 7.22 11.65 8.78
C TYR A 161 8.64 11.09 8.90
N ALA A 162 8.98 10.06 8.14
CA ALA A 162 10.34 9.55 8.16
C ALA A 162 11.33 10.64 7.81
N GLN A 163 10.98 11.51 6.86
CA GLN A 163 11.89 12.59 6.47
C GLN A 163 11.98 13.64 7.56
N LYS A 164 10.86 14.03 8.15
CA LYS A 164 10.90 15.12 9.13
C LYS A 164 11.47 14.68 10.46
N ARG A 165 10.99 13.55 10.99
N ARG A 165 11.01 13.53 10.97
CA ARG A 165 11.42 13.08 12.30
CA ARG A 165 11.40 13.10 12.32
C ARG A 165 12.76 12.38 12.23
C ARG A 165 12.70 12.30 12.31
N HIS A 166 12.87 11.37 11.36
CA HIS A 166 14.07 10.55 11.28
C HIS A 166 15.11 11.08 10.31
N ARG A 167 14.81 12.17 9.61
CA ARG A 167 15.80 12.89 8.80
C ARG A 167 16.22 12.13 7.56
N VAL A 168 15.42 11.11 7.19
CA VAL A 168 15.64 10.36 5.96
C VAL A 168 15.59 11.29 4.76
N GLN A 169 16.50 11.07 3.81
CA GLN A 169 16.48 11.86 2.58
C GLN A 169 15.59 11.27 1.49
N ARG A 170 15.63 9.95 1.30
CA ARG A 170 14.94 9.30 0.17
C ARG A 170 14.10 8.14 0.66
N VAL A 171 12.84 8.11 0.24
CA VAL A 171 11.90 7.04 0.56
C VAL A 171 11.40 6.45 -0.76
N LEU A 172 11.35 5.12 -0.83
CA LEU A 172 10.70 4.41 -1.92
C LEU A 172 9.36 3.87 -1.45
N ILE A 173 8.29 4.16 -2.20
CA ILE A 173 6.98 3.58 -1.96
C ILE A 173 6.67 2.62 -3.10
N VAL A 174 6.44 1.34 -2.76
CA VAL A 174 6.08 0.31 -3.73
C VAL A 174 4.63 -0.07 -3.48
N ASP A 175 3.79 0.08 -4.49
CA ASP A 175 2.35 -0.12 -4.36
C ASP A 175 1.94 -1.29 -5.24
N TRP A 176 1.73 -2.46 -4.63
CA TRP A 176 1.35 -3.66 -5.37
C TRP A 176 -0.12 -4.01 -5.25
N ASP A 177 -0.92 -3.17 -4.59
CA ASP A 177 -2.37 -3.27 -4.67
C ASP A 177 -2.77 -3.25 -6.14
N VAL A 178 -3.88 -3.92 -6.47
CA VAL A 178 -4.31 -4.00 -7.86
C VAL A 178 -4.77 -2.64 -8.42
N HIS A 179 -5.07 -1.68 -7.55
CA HIS A 179 -5.50 -0.35 -7.98
C HIS A 179 -4.34 0.63 -7.93
N HIS A 180 -4.43 1.65 -8.79
CA HIS A 180 -3.45 2.72 -8.77
C HIS A 180 -3.64 3.60 -7.55
N GLY A 181 -2.58 3.80 -6.77
CA GLY A 181 -2.63 4.73 -5.65
C GLY A 181 -2.45 6.16 -6.09
N GLN A 182 -3.46 6.68 -6.80
CA GLN A 182 -3.35 8.04 -7.34
C GLN A 182 -3.12 9.07 -6.26
N GLY A 183 -3.64 8.86 -5.05
CA GLY A 183 -3.37 9.79 -3.98
C GLY A 183 -1.88 9.94 -3.70
N ILE A 184 -1.16 8.83 -3.62
CA ILE A 184 0.28 8.88 -3.40
C ILE A 184 0.96 9.59 -4.57
N GLN A 185 0.57 9.23 -5.80
CA GLN A 185 1.15 9.87 -6.98
C GLN A 185 0.99 11.38 -6.92
N TYR A 186 -0.22 11.85 -6.63
CA TYR A 186 -0.49 13.29 -6.59
C TYR A 186 0.35 13.97 -5.52
N ILE A 187 0.40 13.38 -4.33
CA ILE A 187 1.11 14.02 -3.22
C ILE A 187 2.57 14.23 -3.55
N PHE A 188 3.20 13.28 -4.22
CA PHE A 188 4.64 13.34 -4.48
C PHE A 188 4.98 13.64 -5.94
N GLU A 189 4.01 14.10 -6.72
CA GLU A 189 4.17 14.36 -8.15
C GLU A 189 5.42 15.16 -8.50
N GLU A 190 5.70 16.21 -7.72
CA GLU A 190 6.83 17.10 -7.99
C GLU A 190 8.01 16.84 -7.05
N ASP A 191 8.03 15.71 -6.36
CA ASP A 191 8.98 15.48 -5.28
C ASP A 191 9.95 14.38 -5.66
N PRO A 192 11.24 14.68 -5.93
CA PRO A 192 12.20 13.63 -6.26
C PRO A 192 12.70 12.83 -5.07
N SER A 193 12.34 13.23 -3.85
CA SER A 193 12.82 12.54 -2.66
C SER A 193 11.96 11.35 -2.28
N VAL A 194 10.79 11.21 -2.89
CA VAL A 194 9.92 10.06 -2.64
C VAL A 194 9.60 9.46 -4.01
N LEU A 195 10.16 8.29 -4.28
N LEU A 195 10.19 8.30 -4.30
CA LEU A 195 9.94 7.58 -5.54
CA LEU A 195 9.92 7.60 -5.53
C LEU A 195 8.72 6.68 -5.38
C LEU A 195 8.68 6.74 -5.34
N TYR A 196 7.70 6.91 -6.20
CA TYR A 196 6.47 6.13 -6.16
C TYR A 196 6.45 5.16 -7.34
N PHE A 197 6.30 3.87 -7.04
CA PHE A 197 6.11 2.83 -8.05
C PHE A 197 4.77 2.14 -7.80
N SER A 198 3.93 2.09 -8.84
CA SER A 198 2.65 1.40 -8.74
C SER A 198 2.47 0.46 -9.92
N VAL A 199 2.14 -0.80 -9.63
CA VAL A 199 1.69 -1.76 -10.63
C VAL A 199 0.20 -1.98 -10.38
N HIS A 200 -0.61 -1.89 -11.44
CA HIS A 200 -2.05 -1.89 -11.22
C HIS A 200 -2.79 -2.28 -12.49
N ARG A 201 -3.96 -2.87 -12.30
CA ARG A 201 -4.89 -3.08 -13.41
C ARG A 201 -5.37 -1.73 -13.94
N TYR A 202 -5.44 -1.62 -15.27
CA TYR A 202 -5.77 -0.36 -15.94
C TYR A 202 -6.77 -0.58 -17.06
N GLU A 203 -6.45 -1.48 -18.00
CA GLU A 203 -7.31 -1.75 -19.15
C GLU A 203 -7.70 -0.45 -19.87
N ASP A 204 -6.69 0.36 -20.16
CA ASP A 204 -6.88 1.58 -20.93
C ASP A 204 -7.94 2.49 -20.31
N GLY A 205 -7.97 2.48 -18.98
CA GLY A 205 -8.87 3.33 -18.22
C GLY A 205 -10.20 2.70 -17.88
N SER A 206 -10.49 1.50 -18.42
N SER A 206 -10.50 1.51 -18.41
CA SER A 206 -11.76 0.86 -18.16
CA SER A 206 -11.80 0.90 -18.15
C SER A 206 -11.93 0.50 -16.68
C SER A 206 -11.94 0.42 -16.71
N PHE A 207 -10.83 0.20 -16.00
CA PHE A 207 -10.86 -0.24 -14.60
C PHE A 207 -10.71 0.94 -13.66
N TRP A 208 -11.47 0.93 -12.57
CA TRP A 208 -11.43 2.00 -11.58
C TRP A 208 -9.98 2.20 -11.09
N PRO A 209 -9.54 3.45 -10.85
CA PRO A 209 -10.29 4.71 -10.87
C PRO A 209 -10.36 5.46 -12.22
N HIS A 210 -10.11 4.79 -13.33
CA HIS A 210 -10.40 5.33 -14.67
C HIS A 210 -9.64 6.60 -15.01
N LEU A 211 -8.38 6.72 -14.58
CA LEU A 211 -7.62 7.97 -14.73
C LEU A 211 -6.62 7.87 -15.88
N LYS A 212 -6.61 8.89 -16.75
CA LYS A 212 -5.56 8.97 -17.76
C LYS A 212 -4.18 8.96 -17.14
N GLU A 213 -4.03 9.56 -15.96
CA GLU A 213 -2.74 9.69 -15.31
C GLU A 213 -2.31 8.42 -14.57
N SER A 214 -3.03 7.31 -14.72
CA SER A 214 -2.55 6.02 -14.24
C SER A 214 -1.72 5.28 -15.29
N ASP A 215 -1.57 5.83 -16.48
CA ASP A 215 -0.73 5.24 -17.51
C ASP A 215 0.75 5.59 -17.22
N SER A 216 1.65 4.91 -17.93
CA SER A 216 3.08 5.06 -17.69
C SER A 216 3.64 6.38 -18.20
N SER A 217 2.87 7.15 -18.98
CA SER A 217 3.31 8.47 -19.40
C SER A 217 3.39 9.45 -18.24
N SER A 218 2.74 9.15 -17.10
CA SER A 218 2.79 10.04 -15.93
C SER A 218 4.04 9.70 -15.14
N VAL A 219 5.11 10.45 -15.39
CA VAL A 219 6.42 10.17 -14.83
C VAL A 219 6.80 11.17 -13.74
N GLY A 220 5.88 12.02 -13.31
CA GLY A 220 6.18 13.12 -12.41
C GLY A 220 6.50 14.38 -13.19
N SER A 221 6.62 15.48 -12.46
CA SER A 221 6.85 16.77 -13.11
C SER A 221 7.77 17.64 -12.28
N GLY A 222 8.30 18.68 -12.92
CA GLY A 222 9.20 19.58 -12.23
C GLY A 222 10.41 18.84 -11.70
N ALA A 223 10.79 19.17 -10.47
CA ALA A 223 11.90 18.47 -9.82
C ALA A 223 11.62 16.98 -9.70
N GLY A 224 10.36 16.56 -9.75
CA GLY A 224 9.97 15.18 -9.61
C GLY A 224 9.93 14.37 -10.89
N GLN A 225 10.33 14.95 -12.01
CA GLN A 225 10.29 14.21 -13.28
C GLN A 225 11.20 12.99 -13.20
N GLY A 226 10.62 11.81 -13.45
CA GLY A 226 11.31 10.55 -13.37
C GLY A 226 11.07 9.77 -12.09
N TYR A 227 10.43 10.38 -11.10
CA TYR A 227 10.27 9.78 -9.79
C TYR A 227 8.85 9.29 -9.53
N ASN A 228 8.08 9.06 -10.59
CA ASN A 228 6.77 8.43 -10.51
C ASN A 228 6.72 7.39 -11.62
N ILE A 229 6.46 6.14 -11.26
CA ILE A 229 6.56 5.02 -12.19
C ILE A 229 5.28 4.19 -12.11
N ASN A 230 4.48 4.22 -13.17
CA ASN A 230 3.24 3.45 -13.28
C ASN A 230 3.45 2.28 -14.23
N LEU A 231 3.04 1.09 -13.79
CA LEU A 231 3.03 -0.11 -14.63
C LEU A 231 1.59 -0.56 -14.77
N PRO A 232 0.90 -0.17 -15.85
CA PRO A 232 -0.52 -0.53 -16.02
C PRO A 232 -0.68 -1.86 -16.74
N TRP A 233 -1.49 -2.76 -16.19
CA TRP A 233 -1.85 -3.99 -16.87
C TRP A 233 -3.09 -3.73 -17.72
N ASN A 234 -3.07 -4.22 -18.95
CA ASN A 234 -4.18 -4.01 -19.88
C ASN A 234 -4.90 -5.31 -20.24
N LYS A 235 -4.61 -6.40 -19.53
CA LYS A 235 -5.39 -7.62 -19.59
C LYS A 235 -5.51 -8.19 -18.19
N VAL A 236 -6.61 -8.89 -17.93
CA VAL A 236 -6.81 -9.55 -16.66
C VAL A 236 -6.01 -10.84 -16.62
N GLY A 237 -5.94 -11.47 -15.46
CA GLY A 237 -5.34 -12.78 -15.33
C GLY A 237 -3.83 -12.80 -15.14
N MET A 238 -3.23 -11.68 -14.77
CA MET A 238 -1.79 -11.67 -14.52
C MET A 238 -1.44 -12.60 -13.38
N GLU A 239 -0.23 -13.15 -13.44
CA GLU A 239 0.23 -14.18 -12.52
C GLU A 239 1.55 -13.77 -11.87
N SER A 240 2.05 -14.65 -11.01
CA SER A 240 3.27 -14.36 -10.26
CA SER A 240 3.27 -14.36 -10.27
C SER A 240 4.42 -14.00 -11.19
N GLY A 241 4.56 -14.72 -12.31
CA GLY A 241 5.67 -14.45 -13.22
C GLY A 241 5.63 -13.06 -13.80
N ASP A 242 4.42 -12.51 -13.99
CA ASP A 242 4.29 -11.15 -14.50
C ASP A 242 4.80 -10.13 -13.48
N TYR A 243 4.46 -10.35 -12.20
CA TYR A 243 4.91 -9.45 -11.14
C TYR A 243 6.40 -9.58 -10.89
N ILE A 244 6.91 -10.81 -10.82
CA ILE A 244 8.33 -11.00 -10.55
C ILE A 244 9.16 -10.42 -11.69
N THR A 245 8.73 -10.65 -12.92
CA THR A 245 9.43 -10.07 -14.07
C THR A 245 9.44 -8.54 -14.01
N ALA A 246 8.30 -7.93 -13.65
CA ALA A 246 8.27 -6.48 -13.52
C ALA A 246 9.26 -6.00 -12.46
N PHE A 247 9.36 -6.72 -11.35
CA PHE A 247 10.33 -6.33 -10.32
C PHE A 247 11.77 -6.49 -10.83
N GLN A 248 12.03 -7.55 -11.60
N GLN A 248 12.03 -7.53 -11.62
CA GLN A 248 13.40 -7.84 -12.06
CA GLN A 248 13.40 -7.82 -12.05
C GLN A 248 13.85 -6.87 -13.14
C GLN A 248 13.86 -6.86 -13.15
N GLN A 249 12.97 -6.54 -14.09
CA GLN A 249 13.34 -5.72 -15.24
C GLN A 249 13.29 -4.24 -14.93
N LEU A 250 12.41 -3.83 -14.02
CA LEU A 250 12.09 -2.41 -13.86
C LEU A 250 12.28 -1.91 -12.43
N LEU A 251 11.60 -2.48 -11.44
CA LEU A 251 11.62 -1.89 -10.10
C LEU A 251 12.99 -2.01 -9.44
N LEU A 252 13.56 -3.21 -9.42
CA LEU A 252 14.85 -3.40 -8.74
C LEU A 252 15.96 -2.55 -9.33
N PRO A 253 16.16 -2.49 -10.65
CA PRO A 253 17.24 -1.62 -11.17
C PRO A 253 17.06 -0.17 -10.74
N VAL A 254 15.85 0.36 -10.83
CA VAL A 254 15.60 1.74 -10.41
C VAL A 254 15.80 1.90 -8.90
N ALA A 255 15.31 0.94 -8.11
CA ALA A 255 15.43 1.06 -6.65
C ALA A 255 16.90 1.15 -6.22
N TYR A 256 17.76 0.30 -6.79
N TYR A 256 17.76 0.30 -6.79
CA TYR A 256 19.17 0.34 -6.41
CA TYR A 256 19.17 0.34 -6.40
C TYR A 256 19.82 1.65 -6.84
C TYR A 256 19.82 1.65 -6.84
N GLU A 257 19.44 2.15 -8.02
CA GLU A 257 19.97 3.44 -8.46
C GLU A 257 19.50 4.58 -7.56
N PHE A 258 18.24 4.54 -7.12
CA PHE A 258 17.67 5.58 -6.27
C PHE A 258 18.28 5.57 -4.86
N GLN A 259 18.68 4.39 -4.37
CA GLN A 259 19.29 4.26 -3.04
C GLN A 259 18.36 4.77 -1.96
N PRO A 260 17.17 4.20 -1.82
CA PRO A 260 16.27 4.63 -0.75
C PRO A 260 16.83 4.29 0.62
N GLN A 261 16.41 5.06 1.61
CA GLN A 261 16.78 4.81 2.99
C GLN A 261 15.65 4.17 3.80
N LEU A 262 14.46 4.07 3.21
CA LEU A 262 13.32 3.39 3.80
C LEU A 262 12.46 2.96 2.63
N VAL A 263 11.88 1.76 2.73
CA VAL A 263 10.92 1.25 1.75
C VAL A 263 9.59 1.06 2.45
N LEU A 264 8.54 1.68 1.91
CA LEU A 264 7.17 1.51 2.38
C LEU A 264 6.40 0.79 1.29
N VAL A 265 5.63 -0.23 1.67
CA VAL A 265 4.84 -1.00 0.71
C VAL A 265 3.36 -0.78 0.97
N ALA A 266 2.65 -0.32 -0.05
CA ALA A 266 1.18 -0.30 -0.09
C ALA A 266 0.76 -1.73 -0.38
N ALA A 267 0.59 -2.50 0.69
CA ALA A 267 0.45 -3.95 0.61
C ALA A 267 -1.03 -4.31 0.52
N GLY A 268 -1.58 -4.10 -0.66
CA GLY A 268 -2.89 -4.63 -0.96
C GLY A 268 -2.79 -6.02 -1.53
N PHE A 269 -3.87 -6.78 -1.38
CA PHE A 269 -3.89 -8.17 -1.82
C PHE A 269 -5.05 -8.46 -2.76
N ASP A 270 -5.54 -7.42 -3.43
CA ASP A 270 -6.62 -7.58 -4.40
C ASP A 270 -6.13 -8.06 -5.76
N ALA A 271 -4.83 -8.25 -5.96
CA ALA A 271 -4.33 -8.96 -7.14
C ALA A 271 -4.22 -10.46 -6.91
N VAL A 272 -4.48 -10.95 -5.70
CA VAL A 272 -4.38 -12.37 -5.42
C VAL A 272 -5.54 -13.12 -6.06
N ILE A 273 -5.26 -14.34 -6.50
CA ILE A 273 -6.31 -15.22 -7.02
C ILE A 273 -7.47 -15.27 -6.04
N GLY A 274 -8.69 -15.12 -6.56
CA GLY A 274 -9.90 -15.20 -5.77
C GLY A 274 -10.47 -13.87 -5.35
N ASP A 275 -9.72 -12.78 -5.51
CA ASP A 275 -10.28 -11.48 -5.14
C ASP A 275 -11.54 -11.22 -5.96
N PRO A 276 -12.58 -10.62 -5.36
CA PRO A 276 -13.81 -10.40 -6.14
C PRO A 276 -13.74 -9.23 -7.11
N LEU A 277 -12.74 -8.35 -6.98
CA LEU A 277 -12.62 -7.15 -7.80
C LEU A 277 -11.40 -7.14 -8.71
N GLY A 278 -10.28 -7.71 -8.27
CA GLY A 278 -9.01 -7.46 -8.94
C GLY A 278 -8.87 -8.09 -10.32
N GLY A 279 -9.48 -9.25 -10.54
CA GLY A 279 -9.38 -9.91 -11.82
C GLY A 279 -8.02 -10.52 -12.14
N MET A 280 -7.13 -10.65 -11.16
CA MET A 280 -5.81 -11.21 -11.40
C MET A 280 -5.69 -12.60 -10.79
N GLN A 281 -4.59 -13.27 -11.09
CA GLN A 281 -4.40 -14.67 -10.71
C GLN A 281 -3.04 -14.87 -10.04
N VAL A 282 -2.65 -13.93 -9.20
CA VAL A 282 -1.36 -14.01 -8.51
C VAL A 282 -1.50 -14.94 -7.30
N SER A 283 -0.61 -15.92 -7.19
CA SER A 283 -0.65 -16.80 -6.04
C SER A 283 -0.26 -16.04 -4.78
N PRO A 284 -0.80 -16.41 -3.62
CA PRO A 284 -0.35 -15.76 -2.38
C PRO A 284 1.15 -15.90 -2.16
N GLU A 285 1.71 -17.05 -2.54
CA GLU A 285 3.12 -17.30 -2.33
C GLU A 285 4.01 -16.34 -3.11
N CYS A 286 3.51 -15.80 -4.23
CA CYS A 286 4.25 -14.78 -4.95
C CYS A 286 4.73 -13.67 -4.02
N PHE A 287 3.91 -13.32 -3.03
CA PHE A 287 4.24 -12.20 -2.17
C PHE A 287 5.39 -12.48 -1.23
N SER A 288 5.70 -13.75 -0.95
CA SER A 288 6.96 -14.06 -0.28
C SER A 288 8.14 -13.62 -1.14
N ILE A 289 8.06 -13.88 -2.45
CA ILE A 289 9.14 -13.53 -3.36
C ILE A 289 9.24 -12.02 -3.51
N LEU A 290 8.11 -11.34 -3.73
CA LEU A 290 8.16 -9.89 -3.91
C LEU A 290 8.71 -9.19 -2.66
N THR A 291 8.27 -9.63 -1.48
CA THR A 291 8.80 -9.09 -0.23
C THR A 291 10.31 -9.33 -0.15
N HIS A 292 10.74 -10.55 -0.43
CA HIS A 292 12.18 -10.86 -0.41
C HIS A 292 12.95 -9.96 -1.36
N MET A 293 12.36 -9.65 -2.53
CA MET A 293 13.05 -8.87 -3.54
C MET A 293 13.25 -7.41 -3.12
N LEU A 294 12.49 -6.92 -2.14
CA LEU A 294 12.61 -5.55 -1.65
C LEU A 294 13.53 -5.41 -0.44
N LYS A 295 13.96 -6.52 0.16
CA LYS A 295 14.76 -6.47 1.38
C LYS A 295 16.23 -6.13 1.14
N GLY A 296 16.69 -6.11 -0.10
CA GLY A 296 18.08 -5.81 -0.42
C GLY A 296 18.44 -4.35 -0.56
N VAL A 297 17.49 -3.44 -0.48
CA VAL A 297 17.77 -2.01 -0.47
C VAL A 297 17.44 -1.45 0.92
N ALA A 298 17.90 -0.22 1.16
CA ALA A 298 17.58 0.51 2.38
C ALA A 298 17.96 -0.24 3.64
N GLN A 299 19.02 -1.04 3.60
CA GLN A 299 19.44 -1.82 4.77
C GLN A 299 18.31 -2.69 5.29
N GLY A 300 17.42 -3.15 4.40
CA GLY A 300 16.29 -3.95 4.81
C GLY A 300 15.21 -3.23 5.58
N ARG A 301 15.26 -1.90 5.63
CA ARG A 301 14.29 -1.11 6.39
C ARG A 301 12.99 -1.03 5.57
N LEU A 302 12.11 -1.98 5.86
CA LEU A 302 10.95 -2.28 5.02
C LEU A 302 9.72 -2.32 5.91
N VAL A 303 8.72 -1.50 5.59
CA VAL A 303 7.46 -1.47 6.34
C VAL A 303 6.33 -1.68 5.36
N LEU A 304 5.51 -2.71 5.60
CA LEU A 304 4.31 -3.00 4.83
C LEU A 304 3.08 -2.52 5.60
N ALA A 305 2.12 -1.94 4.88
CA ALA A 305 0.84 -1.55 5.47
C ALA A 305 -0.28 -2.05 4.59
N LEU A 306 -1.33 -2.59 5.22
CA LEU A 306 -2.42 -3.19 4.46
C LEU A 306 -3.19 -2.11 3.71
N GLU A 307 -3.45 -2.37 2.42
CA GLU A 307 -4.30 -1.51 1.61
C GLU A 307 -5.56 -2.31 1.30
N GLY A 308 -5.79 -2.67 0.04
CA GLY A 308 -6.97 -3.44 -0.34
C GLY A 308 -6.75 -4.95 -0.27
N GLY A 309 -7.69 -5.66 -0.89
CA GLY A 309 -7.73 -7.12 -0.79
C GLY A 309 -9.02 -7.53 -0.09
N TYR A 310 -9.91 -8.21 -0.82
CA TYR A 310 -11.31 -8.38 -0.38
C TYR A 310 -11.79 -9.80 -0.32
N ASN A 311 -11.04 -10.78 -0.83
CA ASN A 311 -11.31 -12.17 -0.51
C ASN A 311 -10.60 -12.45 0.80
N LEU A 312 -11.37 -12.79 1.83
CA LEU A 312 -10.82 -12.87 3.18
C LEU A 312 -9.68 -13.88 3.26
N GLN A 313 -9.86 -15.05 2.64
N GLN A 313 -9.86 -15.04 2.65
CA GLN A 313 -8.82 -16.08 2.67
CA GLN A 313 -8.84 -16.08 2.66
C GLN A 313 -7.62 -15.67 1.82
C GLN A 313 -7.63 -15.69 1.81
N SER A 314 -7.87 -15.16 0.61
CA SER A 314 -6.76 -14.79 -0.28
C SER A 314 -5.90 -13.71 0.34
N THR A 315 -6.54 -12.72 0.95
CA THR A 315 -5.81 -11.61 1.57
C THR A 315 -5.03 -12.10 2.77
N ALA A 316 -5.64 -12.94 3.61
CA ALA A 316 -4.92 -13.49 4.76
C ALA A 316 -3.73 -14.33 4.31
N GLU A 317 -3.90 -15.14 3.25
CA GLU A 317 -2.79 -15.92 2.72
C GLU A 317 -1.68 -15.03 2.18
N GLY A 318 -2.05 -13.93 1.51
CA GLY A 318 -1.03 -13.01 1.01
C GLY A 318 -0.25 -12.32 2.11
N VAL A 319 -0.94 -11.89 3.17
CA VAL A 319 -0.26 -11.31 4.32
C VAL A 319 0.70 -12.32 4.93
N CYS A 320 0.24 -13.57 5.11
CA CYS A 320 1.10 -14.57 5.73
C CYS A 320 2.33 -14.85 4.89
N ALA A 321 2.16 -14.91 3.56
CA ALA A 321 3.30 -15.15 2.69
C ALA A 321 4.32 -14.02 2.79
N SER A 322 3.85 -12.77 2.82
CA SER A 322 4.74 -11.63 2.99
C SER A 322 5.44 -11.71 4.34
N MET A 323 4.71 -12.08 5.39
CA MET A 323 5.27 -12.12 6.74
C MET A 323 6.37 -13.16 6.85
N ARG A 324 6.20 -14.32 6.20
CA ARG A 324 7.25 -15.33 6.24
C ARG A 324 8.57 -14.76 5.74
N SER A 325 8.52 -13.94 4.68
CA SER A 325 9.75 -13.33 4.18
CA SER A 325 9.74 -13.32 4.17
C SER A 325 10.28 -12.26 5.12
N LEU A 326 9.39 -11.44 5.70
CA LEU A 326 9.87 -10.47 6.68
C LEU A 326 10.61 -11.16 7.81
N LEU A 327 10.11 -12.31 8.26
CA LEU A 327 10.72 -13.08 9.34
C LEU A 327 11.97 -13.83 8.91
N GLY A 328 12.32 -13.83 7.62
CA GLY A 328 13.54 -14.45 7.16
C GLY A 328 13.43 -15.90 6.76
N ASP A 329 12.22 -16.45 6.64
CA ASP A 329 12.08 -17.83 6.20
C ASP A 329 12.43 -17.94 4.72
N PRO A 330 13.07 -19.04 4.31
CA PRO A 330 13.41 -19.19 2.88
C PRO A 330 12.15 -19.16 2.02
N CYS A 331 12.26 -18.45 0.90
CA CYS A 331 11.14 -18.38 -0.04
C CYS A 331 10.74 -19.78 -0.50
N PRO A 332 9.47 -20.00 -0.77
CA PRO A 332 9.06 -21.26 -1.40
C PRO A 332 9.43 -21.27 -2.88
N HIS A 333 9.50 -22.46 -3.43
CA HIS A 333 9.51 -22.62 -4.88
C HIS A 333 8.14 -22.24 -5.42
N LEU A 334 8.13 -21.54 -6.55
CA LEU A 334 6.84 -21.34 -7.21
C LEU A 334 6.71 -22.33 -8.37
N PRO A 335 5.52 -22.89 -8.61
CA PRO A 335 5.42 -23.89 -9.68
C PRO A 335 5.61 -23.34 -11.08
N SER A 336 5.28 -22.08 -11.31
CA SER A 336 5.42 -21.53 -12.66
C SER A 336 6.87 -21.14 -12.94
N SER A 337 7.16 -20.97 -14.23
CA SER A 337 8.54 -20.76 -14.66
C SER A 337 9.07 -19.39 -14.24
N GLY A 338 8.18 -18.41 -14.05
CA GLY A 338 8.58 -17.03 -13.81
C GLY A 338 8.53 -16.16 -15.04
N ALA A 339 8.29 -16.75 -16.21
CA ALA A 339 8.21 -15.98 -17.44
C ALA A 339 6.92 -15.17 -17.48
N PRO A 340 6.93 -13.99 -18.06
CA PRO A 340 5.73 -13.17 -18.16
C PRO A 340 4.94 -13.46 -19.42
N CYS A 341 3.64 -13.19 -19.38
CA CYS A 341 2.83 -13.29 -20.59
C CYS A 341 3.13 -12.12 -21.52
N GLU A 342 2.65 -12.25 -22.77
CA GLU A 342 2.94 -11.24 -23.78
C GLU A 342 2.42 -9.87 -23.37
N SER A 343 1.20 -9.82 -22.83
CA SER A 343 0.62 -8.53 -22.44
C SER A 343 1.44 -7.87 -21.33
N ALA A 344 1.87 -8.64 -20.33
CA ALA A 344 2.70 -8.08 -19.27
C ALA A 344 4.00 -7.53 -19.83
N LEU A 345 4.65 -8.29 -20.72
CA LEU A 345 5.89 -7.81 -21.34
C LEU A 345 5.66 -6.51 -22.10
N LYS A 346 4.52 -6.40 -22.79
CA LYS A 346 4.21 -5.16 -23.50
C LYS A 346 4.11 -3.99 -22.54
N SER A 347 3.43 -4.17 -21.41
CA SER A 347 3.30 -3.10 -20.42
C SER A 347 4.65 -2.75 -19.81
N ILE A 348 5.44 -3.76 -19.42
CA ILE A 348 6.75 -3.51 -18.83
C ILE A 348 7.64 -2.75 -19.80
N SER A 349 7.66 -3.19 -21.06
CA SER A 349 8.50 -2.53 -22.06
C SER A 349 8.07 -1.08 -22.27
N LYS A 350 6.75 -0.82 -22.29
CA LYS A 350 6.29 0.55 -22.46
C LYS A 350 6.66 1.42 -21.26
N THR A 351 6.51 0.89 -20.04
CA THR A 351 6.92 1.69 -18.89
C THR A 351 8.42 2.00 -18.94
N ILE A 352 9.24 1.00 -19.28
CA ILE A 352 10.68 1.22 -19.42
C ILE A 352 10.95 2.30 -20.46
N SER A 353 10.23 2.24 -21.58
N SER A 353 10.21 2.27 -21.57
CA SER A 353 10.40 3.27 -22.61
CA SER A 353 10.41 3.26 -22.62
C SER A 353 10.12 4.66 -22.05
C SER A 353 10.06 4.66 -22.13
N ASP A 354 9.06 4.78 -21.24
CA ASP A 354 8.72 6.10 -20.70
C ASP A 354 9.69 6.57 -19.62
N LEU A 355 10.33 5.64 -18.89
CA LEU A 355 11.21 6.02 -17.80
C LEU A 355 12.69 5.98 -18.17
N TYR A 356 13.03 5.41 -19.32
CA TYR A 356 14.40 5.28 -19.78
C TYR A 356 15.23 6.55 -19.61
N PRO A 357 14.75 7.74 -19.99
CA PRO A 357 15.62 8.93 -19.95
C PRO A 357 16.05 9.33 -18.55
N PHE A 358 15.44 8.77 -17.51
CA PHE A 358 15.68 9.22 -16.15
C PHE A 358 16.46 8.25 -15.31
N TRP A 359 16.76 7.05 -15.83
CA TRP A 359 17.36 6.00 -15.02
C TRP A 359 18.43 5.28 -15.82
N LYS A 360 19.70 5.47 -15.44
CA LYS A 360 20.78 4.82 -16.16
C LYS A 360 20.67 3.30 -16.11
N SER A 361 20.08 2.75 -15.05
CA SER A 361 19.98 1.30 -14.88
C SER A 361 19.02 0.65 -15.86
N LEU A 362 18.22 1.42 -16.56
CA LEU A 362 17.31 0.92 -17.59
C LEU A 362 17.84 1.12 -19.00
N GLN A 363 18.91 1.89 -19.16
CA GLN A 363 19.40 2.23 -20.50
C GLN A 363 20.13 1.05 -21.11
N THR A 364 19.92 0.86 -22.42
CA THR A 364 20.58 -0.22 -23.15
C THR A 364 21.19 0.30 -24.45
#